data_1W11
#
_entry.id   1W11
#
_cell.length_a   52.850
_cell.length_b   54.710
_cell.length_c   81.400
_cell.angle_alpha   90.00
_cell.angle_beta   90.00
_cell.angle_gamma   90.00
#
_symmetry.space_group_name_H-M   'P 21 21 21'
#
loop_
_entity.id
_entity.type
_entity.pdbx_description
1 polymer 'UROKINASE-TYPE PLASMINOGEN ACTIVATOR'
2 non-polymer 'SULFATE ION'
3 non-polymer N-(BENZYLSULFONYL)-D-SERYL-N-{4-[AMINO(IMINO)METHYL]BENZYL}-L-ALANINAMIDE
4 water water
#
_entity_poly.entity_id   1
_entity_poly.type   'polypeptide(L)'
_entity_poly.pdbx_seq_one_letter_code
;IIGGEFTTIENQPWFAAIYRRHRGGSVTYVCGGSLISPCWVISATHCFIDYPKKEDYIVYLGRSRLNSNTQGEMKFEVEN
LILHKDYSADTLAHHNDIALLKIRSKEGRCAQPSRTIQTISLPSMYNDPQFGTSCEITGFGKENSTDYLYPEQLKMTVVK
LISHRECQQPHYYGSEVTTKMLCAADPQWKTDSCQGDSGGPLVCSLQGRMTLTGIVSWGRGCALKDKPGVYTRVSHFLPW
IRSHTKE
;
_entity_poly.pdbx_strand_id   U
#
loop_
_chem_comp.id
_chem_comp.type
_chem_comp.name
_chem_comp.formula
SK1 non-polymer N-(BENZYLSULFONYL)-D-SERYL-N-{4-[AMINO(IMINO)METHYL]BENZYL}-L-ALANINAMIDE 'C21 H27 N5 O5 S'
SO4 non-polymer 'SULFATE ION' 'O4 S -2'
#
# COMPACT_ATOMS: atom_id res chain seq x y z
N ILE A 1 9.55 1.80 6.08
CA ILE A 1 9.18 1.08 7.34
C ILE A 1 10.19 1.42 8.44
N ILE A 2 9.69 1.98 9.52
CA ILE A 2 10.52 2.32 10.67
C ILE A 2 10.64 1.02 11.47
N GLY A 3 11.86 0.57 11.73
CA GLY A 3 12.05 -0.67 12.45
C GLY A 3 11.70 -1.86 11.58
N GLY A 4 11.31 -2.96 12.20
CA GLY A 4 10.96 -4.15 11.43
C GLY A 4 12.18 -4.91 10.94
N GLU A 5 12.01 -5.65 9.85
CA GLU A 5 13.09 -6.46 9.29
C GLU A 5 13.13 -6.40 7.77
N PHE A 6 14.31 -6.66 7.21
CA PHE A 6 14.46 -6.71 5.76
C PHE A 6 13.92 -8.07 5.35
N THR A 7 13.16 -8.11 4.26
CA THR A 7 12.56 -9.33 3.78
C THR A 7 12.83 -9.50 2.29
N THR A 8 12.18 -10.49 1.67
CA THR A 8 12.33 -10.74 0.24
C THR A 8 10.96 -10.82 -0.40
N ILE A 9 10.90 -10.60 -1.72
CA ILE A 9 9.63 -10.62 -2.43
C ILE A 9 8.93 -11.97 -2.32
N GLU A 10 9.70 -13.03 -2.04
CA GLU A 10 9.13 -14.37 -1.91
C GLU A 10 8.18 -14.43 -0.71
N ASN A 11 8.41 -13.56 0.26
CA ASN A 11 7.58 -13.49 1.46
C ASN A 11 6.43 -12.49 1.31
N GLN A 12 6.47 -11.70 0.24
CA GLN A 12 5.43 -10.69 -0.04
C GLN A 12 5.20 -10.72 -1.55
N PRO A 13 4.86 -11.90 -2.12
CA PRO A 13 4.64 -12.05 -3.56
C PRO A 13 3.60 -11.16 -4.24
N TRP A 14 2.73 -10.53 -3.46
CA TRP A 14 1.70 -9.66 -4.01
C TRP A 14 2.15 -8.19 -4.07
N PHE A 15 3.34 -7.90 -3.54
CA PHE A 15 3.85 -6.52 -3.52
C PHE A 15 4.28 -5.96 -4.87
N ALA A 16 3.72 -4.80 -5.21
CA ALA A 16 4.05 -4.12 -6.46
C ALA A 16 4.85 -2.85 -6.18
N ALA A 17 5.94 -2.66 -6.92
CA ALA A 17 6.79 -1.49 -6.80
C ALA A 17 6.45 -0.57 -7.97
N ILE A 18 5.93 0.62 -7.66
CA ILE A 18 5.52 1.57 -8.69
C ILE A 18 6.52 2.72 -8.83
N TYR A 19 6.97 2.94 -10.07
CA TYR A 19 7.94 3.99 -10.40
C TYR A 19 7.39 4.98 -11.42
N ARG A 20 8.04 6.13 -11.51
CA ARG A 20 7.66 7.17 -12.48
C ARG A 20 8.86 7.56 -13.34
N ARG A 21 8.62 7.64 -14.64
CA ARG A 21 9.64 8.04 -15.61
C ARG A 21 9.75 9.56 -15.61
N HIS A 22 10.91 10.06 -16.00
CA HIS A 22 11.14 11.50 -16.04
C HIS A 22 11.74 11.98 -17.37
N ARG A 23 11.79 13.30 -17.53
CA ARG A 23 12.34 13.90 -18.74
C ARG A 23 13.86 13.66 -18.77
N GLY A 24 14.26 12.67 -19.58
CA GLY A 24 15.67 12.35 -19.67
C GLY A 24 15.90 10.86 -19.63
N GLY A 25 15.59 10.24 -18.49
CA GLY A 25 15.77 8.81 -18.35
C GLY A 25 15.70 8.31 -16.91
N SER A 26 15.63 9.24 -15.96
CA SER A 26 15.59 8.90 -14.54
C SER A 26 14.26 8.28 -14.12
N VAL A 27 14.35 7.21 -13.35
CA VAL A 27 13.18 6.48 -12.85
C VAL A 27 13.19 6.46 -11.32
N THR A 28 12.29 7.21 -10.71
CA THR A 28 12.20 7.27 -9.25
C THR A 28 11.01 6.50 -8.68
N TYR A 29 11.18 6.00 -7.45
CA TYR A 29 10.14 5.24 -6.77
C TYR A 29 9.01 6.16 -6.31
N VAL A 30 7.78 5.73 -6.55
CA VAL A 30 6.61 6.52 -6.17
C VAL A 30 5.87 5.93 -4.97
N CYS A 31 5.38 4.70 -5.13
CA CYS A 31 4.61 4.06 -4.09
C CYS A 31 4.57 2.55 -4.22
N GLY A 32 4.00 1.93 -3.18
CA GLY A 32 3.85 0.50 -3.18
C GLY A 32 2.45 0.19 -3.70
N GLY A 33 2.15 -1.10 -3.79
CA GLY A 33 0.86 -1.53 -4.27
C GLY A 33 0.71 -3.02 -4.02
N SER A 34 -0.45 -3.56 -4.36
CA SER A 34 -0.72 -4.98 -4.18
C SER A 34 -1.41 -5.55 -5.40
N LEU A 35 -1.01 -6.76 -5.79
CA LEU A 35 -1.61 -7.44 -6.93
C LEU A 35 -2.86 -8.17 -6.44
N ILE A 36 -4.04 -7.69 -6.82
CA ILE A 36 -5.29 -8.32 -6.40
C ILE A 36 -5.87 -9.27 -7.46
N SER A 37 -5.30 -9.21 -8.66
CA SER A 37 -5.69 -10.06 -9.78
C SER A 37 -4.57 -9.93 -10.81
N PRO A 38 -4.47 -10.88 -11.74
CA PRO A 38 -3.43 -10.87 -12.77
C PRO A 38 -3.22 -9.53 -13.49
N CYS A 39 -4.31 -8.80 -13.73
CA CYS A 39 -4.24 -7.53 -14.44
C CYS A 39 -4.40 -6.27 -13.59
N TRP A 40 -4.69 -6.42 -12.31
CA TRP A 40 -4.92 -5.26 -11.45
C TRP A 40 -4.05 -5.14 -10.21
N VAL A 41 -3.52 -3.93 -10.00
CA VAL A 41 -2.73 -3.61 -8.83
C VAL A 41 -3.51 -2.52 -8.10
N ILE A 42 -3.64 -2.65 -6.80
CA ILE A 42 -4.35 -1.64 -6.04
C ILE A 42 -3.35 -0.82 -5.21
N SER A 43 -3.52 0.50 -5.21
CA SER A 43 -2.62 1.40 -4.51
C SER A 43 -3.43 2.56 -3.92
N ALA A 44 -2.77 3.70 -3.70
CA ALA A 44 -3.46 4.86 -3.15
C ALA A 44 -3.47 6.01 -4.15
N THR A 45 -4.58 6.75 -4.18
CA THR A 45 -4.72 7.88 -5.09
C THR A 45 -3.74 9.04 -4.88
N HIS A 46 -3.35 9.32 -3.63
CA HIS A 46 -2.46 10.45 -3.37
C HIS A 46 -1.08 10.32 -4.00
N CYS A 47 -0.76 9.09 -4.42
CA CYS A 47 0.51 8.79 -5.07
C CYS A 47 0.59 9.34 -6.49
N PHE A 48 -0.55 9.37 -7.16
CA PHE A 48 -0.62 9.80 -8.56
C PHE A 48 -1.41 11.06 -8.86
N ILE A 49 -2.15 11.57 -7.87
CA ILE A 49 -3.00 12.74 -8.03
C ILE A 49 -2.35 13.95 -8.71
N ASP A 50 -1.07 14.22 -8.44
CA ASP A 50 -0.40 15.35 -9.06
C ASP A 50 0.14 15.10 -10.48
N TYR A 51 0.16 13.82 -10.89
CA TYR A 51 0.63 13.43 -12.22
C TYR A 51 -0.20 12.24 -12.70
N PRO A 52 -1.47 12.49 -13.10
CA PRO A 52 -2.40 11.45 -13.58
C PRO A 52 -2.08 10.85 -14.96
N LYS A 53 -0.85 11.03 -15.42
CA LYS A 53 -0.41 10.52 -16.72
C LYS A 53 0.07 9.07 -16.62
N LYS A 54 -0.77 8.14 -17.05
CA LYS A 54 -0.47 6.70 -16.99
C LYS A 54 0.84 6.28 -17.67
N GLU A 55 1.18 6.94 -18.79
CA GLU A 55 2.39 6.63 -19.54
C GLU A 55 3.70 6.78 -18.76
N ASP A 56 3.71 7.66 -17.77
CA ASP A 56 4.92 7.89 -16.97
C ASP A 56 5.16 6.87 -15.87
N TYR A 57 4.30 5.86 -15.75
CA TYR A 57 4.49 4.87 -14.70
C TYR A 57 4.94 3.50 -15.16
N ILE A 58 5.69 2.85 -14.27
CA ILE A 58 6.21 1.51 -14.48
C ILE A 58 5.89 0.71 -13.22
N VAL A 59 5.33 -0.48 -13.40
CA VAL A 59 4.99 -1.33 -12.26
C VAL A 59 5.86 -2.59 -12.30
N TYR A 60 6.54 -2.85 -11.19
CA TYR A 60 7.38 -4.03 -11.09
C TYR A 60 6.80 -5.05 -10.11
N LEU A 61 6.72 -6.29 -10.55
CA LEU A 61 6.25 -7.38 -9.72
C LEU A 61 7.42 -8.34 -9.59
N GLY A 62 7.54 -8.97 -8.43
CA GLY A 62 8.62 -9.91 -8.18
C GLY A 62 9.94 -9.21 -7.90
N ARG A 63 9.88 -7.95 -7.48
CA ARG A 63 11.07 -7.17 -7.20
C ARG A 63 11.33 -6.97 -5.70
N SER A 64 12.51 -7.38 -5.24
CA SER A 64 12.90 -7.26 -3.82
C SER A 64 13.75 -6.04 -3.53
N ARG A 65 14.43 -5.52 -4.55
CA ARG A 65 15.30 -4.36 -4.39
C ARG A 65 14.83 -3.14 -5.17
N LEU A 66 15.08 -1.97 -4.60
CA LEU A 66 14.69 -0.68 -5.14
C LEU A 66 15.28 -0.29 -6.50
N ASN A 67 16.60 -0.33 -6.60
CA ASN A 67 17.27 0.09 -7.83
C ASN A 67 18.12 -0.95 -8.53
N SER A 68 17.84 -2.22 -8.27
CA SER A 68 18.56 -3.31 -8.90
C SER A 68 17.58 -4.41 -9.28
N ASN A 69 17.96 -5.21 -10.28
CA ASN A 69 17.11 -6.29 -10.76
C ASN A 69 17.05 -7.51 -9.84
N THR A 70 15.92 -8.19 -9.86
CA THR A 70 15.71 -9.41 -9.07
C THR A 70 15.36 -10.50 -10.06
N GLN A 71 15.83 -11.72 -9.80
CA GLN A 71 15.55 -12.85 -10.69
C GLN A 71 14.06 -13.19 -10.64
N GLY A 72 13.44 -13.27 -11.81
CA GLY A 72 12.04 -13.59 -11.90
C GLY A 72 11.12 -12.37 -11.91
N GLU A 73 11.70 -11.18 -11.75
CA GLU A 73 10.91 -9.94 -11.75
C GLU A 73 10.27 -9.69 -13.11
N MET A 74 9.16 -8.97 -13.11
CA MET A 74 8.46 -8.64 -14.34
C MET A 74 8.08 -7.16 -14.38
N LYS A 75 8.34 -6.54 -15.53
CA LYS A 75 8.07 -5.13 -15.76
C LYS A 75 6.73 -4.93 -16.48
N PHE A 76 5.97 -3.92 -16.04
CA PHE A 76 4.67 -3.66 -16.64
C PHE A 76 4.42 -2.18 -16.86
N GLU A 77 3.66 -1.88 -17.91
CA GLU A 77 3.27 -0.51 -18.22
C GLU A 77 1.89 -0.35 -17.60
N VAL A 78 1.43 0.89 -17.47
CA VAL A 78 0.11 1.11 -16.90
C VAL A 78 -0.90 1.35 -18.02
N GLU A 79 -1.78 0.38 -18.21
CA GLU A 79 -2.81 0.44 -19.24
C GLU A 79 -3.92 1.42 -18.88
N ASN A 80 -4.31 1.43 -17.60
CA ASN A 80 -5.36 2.30 -17.10
C ASN A 80 -5.07 2.70 -15.66
N LEU A 81 -5.15 4.00 -15.39
CA LEU A 81 -4.91 4.55 -14.06
C LEU A 81 -6.23 5.10 -13.53
N ILE A 82 -6.83 4.37 -12.60
CA ILE A 82 -8.10 4.77 -12.01
C ILE A 82 -7.94 5.35 -10.61
N LEU A 83 -8.18 6.66 -10.51
CA LEU A 83 -8.11 7.36 -9.23
C LEU A 83 -9.54 7.49 -8.70
N HIS A 84 -9.70 7.51 -7.38
CA HIS A 84 -11.04 7.65 -6.82
C HIS A 84 -11.50 9.10 -6.98
N LYS A 85 -12.68 9.26 -7.55
CA LYS A 85 -13.25 10.58 -7.80
C LYS A 85 -13.47 11.46 -6.57
N ASP A 86 -13.82 10.84 -5.45
CA ASP A 86 -14.07 11.59 -4.21
C ASP A 86 -12.84 11.73 -3.31
N TYR A 87 -11.65 11.71 -3.90
CA TYR A 87 -10.42 11.87 -3.12
C TYR A 87 -10.24 13.31 -2.69
N SER A 88 -9.71 13.50 -1.49
CA SER A 88 -9.42 14.83 -0.96
C SER A 88 -8.55 14.70 0.27
N ALA A 89 -7.71 15.70 0.50
CA ALA A 89 -6.82 15.69 1.65
C ALA A 89 -7.07 16.91 2.52
N ASP A 90 -7.33 16.65 3.81
CA ASP A 90 -7.56 17.70 4.77
C ASP A 90 -6.25 18.02 5.48
N THR A 91 -6.33 18.60 6.67
CA THR A 91 -5.13 18.94 7.43
C THR A 91 -4.24 17.70 7.58
N LEU A 92 -4.85 16.59 7.98
CA LEU A 92 -4.13 15.33 8.16
C LEU A 92 -4.72 14.22 7.31
N ALA A 93 -6.03 14.03 7.42
CA ALA A 93 -6.73 12.96 6.72
C ALA A 93 -6.77 13.00 5.20
N HIS A 94 -6.59 11.82 4.61
CA HIS A 94 -6.67 11.65 3.17
C HIS A 94 -7.88 10.76 3.00
N HIS A 95 -8.90 11.29 2.34
CA HIS A 95 -10.15 10.57 2.14
C HIS A 95 -10.19 9.84 0.81
N ASN A 96 -10.76 8.63 0.84
CA ASN A 96 -10.89 7.79 -0.36
C ASN A 96 -9.55 7.65 -1.05
N ASP A 97 -8.52 7.38 -0.26
CA ASP A 97 -7.16 7.23 -0.77
C ASP A 97 -6.98 5.82 -1.32
N ILE A 98 -7.53 5.60 -2.50
CA ILE A 98 -7.48 4.28 -3.12
C ILE A 98 -7.43 4.43 -4.63
N ALA A 99 -6.64 3.57 -5.28
CA ALA A 99 -6.51 3.63 -6.72
C ALA A 99 -6.26 2.27 -7.33
N LEU A 100 -6.60 2.14 -8.60
CA LEU A 100 -6.42 0.90 -9.34
C LEU A 100 -5.56 1.15 -10.57
N LEU A 101 -4.65 0.23 -10.84
CA LEU A 101 -3.77 0.35 -11.99
C LEU A 101 -3.88 -0.94 -12.79
N LYS A 102 -4.36 -0.83 -14.02
CA LYS A 102 -4.45 -2.01 -14.87
C LYS A 102 -3.08 -2.12 -15.53
N ILE A 103 -2.39 -3.23 -15.28
CA ILE A 103 -1.06 -3.44 -15.82
C ILE A 103 -1.05 -4.31 -17.07
N ARG A 104 0.03 -4.18 -17.85
CA ARG A 104 0.20 -4.95 -19.07
C ARG A 104 1.65 -4.90 -19.52
N SER A 105 2.22 -6.06 -19.81
CA SER A 105 3.60 -6.15 -20.28
C SER A 105 3.64 -5.58 -21.70
N LYS A 106 4.84 -5.43 -22.25
CA LYS A 106 4.99 -4.91 -23.61
C LYS A 106 4.37 -5.86 -24.63
N GLU A 107 4.28 -7.14 -24.27
CA GLU A 107 3.68 -8.16 -25.13
C GLU A 107 2.15 -8.16 -25.02
N GLY A 108 1.62 -7.32 -24.13
CA GLY A 108 0.18 -7.24 -23.94
C GLY A 108 -0.40 -8.21 -22.93
N ARG A 109 0.47 -8.86 -22.16
CA ARG A 109 0.05 -9.84 -21.16
C ARG A 109 -0.01 -9.27 -19.76
N CYS A 110 -0.82 -9.91 -18.92
CA CYS A 110 -0.94 -9.53 -17.52
C CYS A 110 0.08 -10.38 -16.77
N ALA A 111 0.08 -10.30 -15.46
CA ALA A 111 1.04 -11.04 -14.63
C ALA A 111 0.93 -12.55 -14.78
N GLN A 112 2.08 -13.22 -14.61
CA GLN A 112 2.17 -14.68 -14.66
C GLN A 112 2.58 -15.10 -13.25
N PRO A 113 1.76 -15.94 -12.59
CA PRO A 113 2.05 -16.40 -11.24
C PRO A 113 3.36 -17.18 -11.13
N SER A 114 4.04 -17.01 -10.01
CA SER A 114 5.30 -17.69 -9.77
C SER A 114 5.54 -17.71 -8.26
N ARG A 115 6.75 -18.08 -7.86
CA ARG A 115 7.09 -18.14 -6.44
C ARG A 115 7.28 -16.72 -5.88
N THR A 116 7.46 -15.75 -6.79
CA THR A 116 7.66 -14.36 -6.38
C THR A 116 6.55 -13.43 -6.83
N ILE A 117 5.54 -13.98 -7.50
CA ILE A 117 4.43 -13.19 -8.01
C ILE A 117 3.12 -13.94 -7.78
N GLN A 118 2.33 -13.44 -6.84
CA GLN A 118 1.03 -14.04 -6.49
C GLN A 118 0.05 -12.96 -6.09
N THR A 119 -1.24 -13.24 -6.23
CA THR A 119 -2.24 -12.26 -5.85
C THR A 119 -2.56 -12.37 -4.37
N ILE A 120 -3.21 -11.34 -3.83
CA ILE A 120 -3.61 -11.31 -2.42
C ILE A 120 -5.14 -11.22 -2.44
N SER A 121 -5.79 -11.97 -1.56
CA SER A 121 -7.25 -11.98 -1.49
C SER A 121 -7.83 -10.71 -0.92
N LEU A 122 -8.97 -10.29 -1.48
CA LEU A 122 -9.69 -9.11 -1.01
C LEU A 122 -10.59 -9.55 0.14
N PRO A 123 -11.02 -8.60 0.98
CA PRO A 123 -11.90 -8.91 2.11
C PRO A 123 -13.35 -9.10 1.68
N SER A 124 -14.17 -9.57 2.60
CA SER A 124 -15.60 -9.75 2.34
C SER A 124 -16.30 -8.46 2.78
N MET A 125 -17.50 -8.22 2.26
CA MET A 125 -18.26 -7.01 2.60
C MET A 125 -18.37 -6.80 4.11
N TYR A 126 -17.78 -5.71 4.59
CA TYR A 126 -17.78 -5.34 6.00
C TYR A 126 -17.32 -6.44 6.95
N ASN A 127 -16.32 -7.20 6.53
CA ASN A 127 -15.78 -8.30 7.35
C ASN A 127 -14.31 -8.02 7.67
N ASP A 128 -14.09 -7.23 8.72
CA ASP A 128 -12.73 -6.87 9.14
C ASP A 128 -12.28 -7.67 10.36
N PRO A 129 -10.95 -7.79 10.55
CA PRO A 129 -10.41 -8.52 11.69
C PRO A 129 -10.75 -7.80 12.99
N GLN A 130 -10.87 -8.55 14.07
CA GLN A 130 -11.17 -7.97 15.38
C GLN A 130 -10.02 -7.06 15.77
N PHE A 131 -10.32 -5.92 16.40
CA PHE A 131 -9.29 -5.00 16.82
C PHE A 131 -8.35 -5.66 17.83
N GLY A 132 -7.05 -5.40 17.67
CA GLY A 132 -6.06 -6.01 18.54
C GLY A 132 -5.31 -7.10 17.77
N THR A 133 -5.80 -7.42 16.57
CA THR A 133 -5.21 -8.43 15.71
C THR A 133 -3.94 -7.92 15.05
N SER A 134 -2.93 -8.78 14.98
CA SER A 134 -1.67 -8.42 14.36
C SER A 134 -1.78 -8.52 12.84
N CYS A 135 -1.18 -7.55 12.16
CA CYS A 135 -1.18 -7.49 10.70
C CYS A 135 0.19 -7.02 10.23
N GLU A 136 0.53 -7.30 8.98
CA GLU A 136 1.83 -6.89 8.46
C GLU A 136 1.77 -5.84 7.36
N ILE A 137 2.81 -5.01 7.31
CA ILE A 137 2.93 -3.99 6.29
C ILE A 137 4.26 -4.19 5.60
N THR A 138 4.33 -3.82 4.32
CA THR A 138 5.55 -3.98 3.54
C THR A 138 5.80 -2.71 2.74
N GLY A 139 7.06 -2.40 2.49
CA GLY A 139 7.38 -1.22 1.71
C GLY A 139 8.84 -0.85 1.63
N PHE A 140 9.14 0.06 0.69
CA PHE A 140 10.49 0.57 0.48
C PHE A 140 10.58 1.97 1.09
N GLY A 141 9.67 2.27 2.01
CA GLY A 141 9.65 3.58 2.65
C GLY A 141 10.78 3.90 3.62
N LYS A 142 10.84 5.14 4.05
CA LYS A 142 11.86 5.62 4.98
C LYS A 142 11.99 4.71 6.19
N GLU A 143 13.22 4.55 6.66
CA GLU A 143 13.50 3.75 7.84
C GLU A 143 13.52 4.70 9.05
N ASN A 144 13.69 5.99 8.77
CA ASN A 144 13.71 7.05 9.78
C ASN A 144 13.16 8.35 9.20
N SER A 145 12.52 9.15 10.04
CA SER A 145 11.94 10.43 9.63
C SER A 145 12.96 11.36 8.96
N THR A 146 14.15 11.40 9.53
CA THR A 146 15.23 12.26 9.03
C THR A 146 15.89 11.81 7.72
N ASP A 147 15.59 10.59 7.25
CA ASP A 147 16.17 10.10 5.99
C ASP A 147 15.58 10.81 4.77
N TYR A 148 16.38 10.94 3.72
CA TYR A 148 15.93 11.54 2.47
C TYR A 148 16.03 10.50 1.34
N LEU A 149 16.61 9.36 1.68
CA LEU A 149 16.75 8.24 0.75
C LEU A 149 15.97 7.04 1.28
N TYR A 150 15.57 6.15 0.37
CA TYR A 150 14.84 4.94 0.72
C TYR A 150 15.79 3.76 0.82
N PRO A 151 15.43 2.73 1.61
CA PRO A 151 16.28 1.55 1.75
C PRO A 151 16.30 0.78 0.43
N GLU A 152 17.42 0.14 0.13
CA GLU A 152 17.53 -0.62 -1.11
C GLU A 152 16.78 -1.95 -1.04
N GLN A 153 16.64 -2.49 0.17
CA GLN A 153 15.96 -3.77 0.35
C GLN A 153 14.54 -3.57 0.89
N LEU A 154 13.63 -4.42 0.43
CA LEU A 154 12.25 -4.37 0.88
C LEU A 154 12.19 -4.66 2.37
N LYS A 155 11.30 -3.98 3.09
CA LYS A 155 11.16 -4.19 4.52
C LYS A 155 9.75 -4.58 4.90
N MET A 156 9.59 -5.09 6.12
CA MET A 156 8.29 -5.49 6.62
C MET A 156 8.26 -5.40 8.12
N THR A 157 7.06 -5.26 8.68
CA THR A 157 6.89 -5.23 10.11
C THR A 157 5.48 -5.65 10.48
N VAL A 158 5.24 -5.80 11.77
CA VAL A 158 3.94 -6.20 12.27
C VAL A 158 3.39 -5.12 13.20
N VAL A 159 2.13 -4.76 12.98
CA VAL A 159 1.46 -3.76 13.79
C VAL A 159 0.11 -4.33 14.20
N LYS A 160 -0.50 -3.72 15.21
CA LYS A 160 -1.79 -4.19 15.70
C LYS A 160 -2.91 -3.21 15.35
N LEU A 161 -4.07 -3.76 15.01
CA LEU A 161 -5.23 -2.94 14.67
C LEU A 161 -5.75 -2.26 15.92
N ILE A 162 -6.15 -1.00 15.75
CA ILE A 162 -6.68 -0.18 16.83
C ILE A 162 -8.14 0.13 16.52
N SER A 163 -8.97 0.11 17.55
CA SER A 163 -10.39 0.39 17.37
C SER A 163 -10.60 1.82 16.88
N HIS A 164 -11.71 2.04 16.19
CA HIS A 164 -12.06 3.36 15.71
C HIS A 164 -12.22 4.28 16.93
N ARG A 165 -12.79 3.74 18.00
CA ARG A 165 -13.01 4.46 19.25
C ARG A 165 -11.70 5.01 19.82
N GLU A 166 -10.70 4.15 19.95
CA GLU A 166 -9.41 4.55 20.48
C GLU A 166 -8.69 5.56 19.58
N CYS A 167 -8.79 5.34 18.28
CA CYS A 167 -8.14 6.21 17.31
C CYS A 167 -8.80 7.58 17.20
N GLN A 168 -10.06 7.66 17.61
CA GLN A 168 -10.82 8.91 17.54
C GLN A 168 -10.67 9.77 18.80
N GLN A 169 -9.81 9.34 19.72
CA GLN A 169 -9.57 10.09 20.96
C GLN A 169 -8.85 11.40 20.61
N PRO A 170 -9.04 12.44 21.46
CA PRO A 170 -8.43 13.77 21.29
C PRO A 170 -6.92 13.79 21.03
N HIS A 171 -6.16 13.02 21.81
CA HIS A 171 -4.72 12.97 21.63
C HIS A 171 -4.26 12.09 20.48
N TYR A 172 -5.20 11.37 19.87
CA TYR A 172 -4.89 10.53 18.73
C TYR A 172 -5.14 11.36 17.47
N TYR A 173 -6.28 11.14 16.82
CA TYR A 173 -6.60 11.90 15.61
C TYR A 173 -7.96 12.57 15.68
N GLY A 174 -8.66 12.36 16.79
CA GLY A 174 -9.98 12.96 16.95
C GLY A 174 -10.91 12.60 15.83
N SER A 175 -11.76 13.55 15.42
CA SER A 175 -12.74 13.32 14.36
C SER A 175 -12.16 13.22 12.96
N GLU A 176 -10.85 13.36 12.82
CA GLU A 176 -10.21 13.29 11.53
C GLU A 176 -10.23 11.90 10.91
N VAL A 177 -10.23 10.85 11.75
CA VAL A 177 -10.29 9.48 11.25
C VAL A 177 -11.75 9.05 11.11
N THR A 178 -12.09 8.45 9.98
CA THR A 178 -13.46 8.02 9.71
C THR A 178 -13.62 6.50 9.73
N THR A 179 -14.85 6.03 9.53
CA THR A 179 -15.10 4.59 9.51
C THR A 179 -14.58 3.95 8.23
N LYS A 180 -14.21 4.78 7.25
CA LYS A 180 -13.65 4.28 5.99
C LYS A 180 -12.15 4.12 6.15
N MET A 181 -11.65 4.33 7.37
CA MET A 181 -10.23 4.21 7.65
C MET A 181 -9.94 3.26 8.79
N LEU A 182 -8.71 2.77 8.82
CA LEU A 182 -8.26 1.83 9.85
C LEU A 182 -6.97 2.33 10.47
N CYS A 183 -6.89 2.26 11.78
CA CYS A 183 -5.70 2.66 12.49
C CYS A 183 -4.96 1.42 12.93
N ALA A 184 -3.64 1.49 12.86
CA ALA A 184 -2.82 0.36 13.27
C ALA A 184 -1.47 0.91 13.71
N ALA A 185 -0.90 0.26 14.72
CA ALA A 185 0.38 0.69 15.24
C ALA A 185 0.98 -0.37 16.13
N ASP A 186 2.22 -0.10 16.53
CA ASP A 186 2.97 -0.96 17.43
C ASP A 186 2.58 -0.51 18.82
N PRO A 187 2.25 -1.45 19.73
CA PRO A 187 1.86 -1.09 21.09
C PRO A 187 2.96 -0.31 21.84
N GLN A 188 4.21 -0.49 21.40
CA GLN A 188 5.35 0.21 21.98
C GLN A 188 5.77 1.43 21.17
N TRP A 189 5.06 1.69 20.07
CA TRP A 189 5.34 2.82 19.19
C TRP A 189 6.79 2.83 18.67
N LYS A 190 7.31 1.64 18.42
CA LYS A 190 8.68 1.48 17.93
C LYS A 190 8.76 1.25 16.43
N THR A 191 7.77 0.55 15.88
CA THR A 191 7.75 0.27 14.45
C THR A 191 6.48 0.85 13.80
N ASP A 192 6.59 1.20 12.51
CA ASP A 192 5.46 1.80 11.82
C ASP A 192 5.80 2.04 10.34
N SER A 193 4.79 2.32 9.52
CA SER A 193 5.01 2.64 8.11
C SER A 193 5.42 4.12 8.11
N CYS A 194 5.92 4.61 6.98
CA CYS A 194 6.37 5.99 6.92
C CYS A 194 6.27 6.48 5.47
N GLN A 195 6.88 7.63 5.17
CA GLN A 195 6.88 8.17 3.80
C GLN A 195 7.51 7.13 2.86
N GLY A 196 6.90 6.93 1.70
CA GLY A 196 7.42 5.95 0.74
C GLY A 196 6.66 4.64 0.81
N ASP A 197 6.06 4.37 1.97
CA ASP A 197 5.30 3.14 2.17
C ASP A 197 3.87 3.25 1.64
N SER A 198 3.45 4.47 1.30
CA SER A 198 2.11 4.73 0.77
C SER A 198 1.72 3.79 -0.37
N GLY A 199 0.48 3.35 -0.34
CA GLY A 199 -0.02 2.47 -1.38
C GLY A 199 0.21 1.00 -1.10
N GLY A 200 1.17 0.71 -0.24
CA GLY A 200 1.48 -0.66 0.12
C GLY A 200 0.36 -1.33 0.90
N PRO A 201 0.48 -2.65 1.10
CA PRO A 201 -0.55 -3.43 1.81
C PRO A 201 -0.43 -3.58 3.34
N LEU A 202 -1.59 -3.69 3.97
CA LEU A 202 -1.70 -3.95 5.40
C LEU A 202 -2.41 -5.31 5.30
N VAL A 203 -1.64 -6.38 5.51
CA VAL A 203 -2.18 -7.73 5.38
C VAL A 203 -2.50 -8.37 6.72
N CYS A 204 -3.71 -8.90 6.85
CA CYS A 204 -4.14 -9.55 8.08
C CYS A 204 -4.57 -10.98 7.80
N SER A 205 -4.21 -11.88 8.71
CA SER A 205 -4.59 -13.28 8.59
C SER A 205 -6.02 -13.38 9.09
N LEU A 206 -6.96 -13.41 8.15
CA LEU A 206 -8.38 -13.49 8.48
C LEU A 206 -8.89 -14.89 8.20
N GLN A 207 -9.24 -15.60 9.27
CA GLN A 207 -9.77 -16.97 9.17
C GLN A 207 -8.85 -17.89 8.37
N GLY A 208 -7.57 -17.92 8.77
CA GLY A 208 -6.59 -18.74 8.10
C GLY A 208 -6.38 -18.39 6.65
N ARG A 209 -6.39 -17.10 6.34
CA ARG A 209 -6.20 -16.63 4.97
C ARG A 209 -5.68 -15.19 4.91
N MET A 210 -4.61 -15.00 4.14
CA MET A 210 -3.99 -13.68 3.98
C MET A 210 -4.95 -12.77 3.22
N THR A 211 -5.34 -11.66 3.84
CA THR A 211 -6.27 -10.73 3.24
C THR A 211 -5.74 -9.29 3.18
N LEU A 212 -6.09 -8.59 2.10
CA LEU A 212 -5.68 -7.21 1.92
C LEU A 212 -6.68 -6.37 2.72
N THR A 213 -6.37 -6.15 3.99
CA THR A 213 -7.23 -5.39 4.90
C THR A 213 -7.13 -3.88 4.74
N GLY A 214 -5.93 -3.37 4.48
CA GLY A 214 -5.77 -1.95 4.32
C GLY A 214 -4.68 -1.51 3.36
N ILE A 215 -4.69 -0.22 3.05
CA ILE A 215 -3.70 0.39 2.16
C ILE A 215 -3.07 1.55 2.91
N VAL A 216 -1.74 1.58 2.95
CA VAL A 216 -1.00 2.64 3.65
C VAL A 216 -1.40 4.00 3.08
N SER A 217 -1.99 4.84 3.93
CA SER A 217 -2.46 6.15 3.50
C SER A 217 -1.77 7.33 4.16
N TRP A 218 -2.04 7.55 5.45
CA TRP A 218 -1.45 8.68 6.16
C TRP A 218 -1.09 8.47 7.62
N GLY A 219 -0.56 9.52 8.23
CA GLY A 219 -0.18 9.47 9.63
C GLY A 219 0.65 10.67 10.04
N ARG A 220 0.56 11.07 11.31
CA ARG A 220 1.32 12.19 11.82
C ARG A 220 2.71 11.66 12.19
N GLY A 221 3.70 12.12 11.44
CA GLY A 221 5.06 11.66 11.66
C GLY A 221 5.15 10.19 11.35
N CYS A 222 6.12 9.53 11.97
CA CYS A 222 6.33 8.09 11.78
C CYS A 222 6.76 7.50 13.12
N ALA A 223 5.99 6.52 13.60
CA ALA A 223 6.27 5.87 14.87
C ALA A 223 6.21 6.86 16.05
N LEU A 224 5.37 7.87 15.91
CA LEU A 224 5.18 8.85 16.97
C LEU A 224 4.13 8.31 17.93
N LYS A 225 4.40 8.45 19.23
CA LYS A 225 3.49 7.98 20.26
C LYS A 225 2.09 8.59 20.09
N ASP A 226 1.07 7.75 20.16
CA ASP A 226 -0.34 8.15 20.02
C ASP A 226 -0.74 8.63 18.63
N LYS A 227 0.14 8.39 17.66
CA LYS A 227 -0.12 8.78 16.27
C LYS A 227 0.03 7.55 15.38
N PRO A 228 -1.02 6.69 15.35
CA PRO A 228 -1.02 5.46 14.55
C PRO A 228 -0.99 5.71 13.05
N GLY A 229 -0.63 4.67 12.30
CA GLY A 229 -0.64 4.79 10.86
C GLY A 229 -2.10 4.66 10.50
N VAL A 230 -2.55 5.38 9.47
CA VAL A 230 -3.95 5.29 9.06
C VAL A 230 -4.01 4.63 7.69
N TYR A 231 -4.89 3.63 7.56
CA TYR A 231 -5.03 2.87 6.33
C TYR A 231 -6.43 2.93 5.77
N THR A 232 -6.50 2.89 4.45
CA THR A 232 -7.76 2.89 3.74
C THR A 232 -8.41 1.52 3.99
N ARG A 233 -9.63 1.56 4.50
CA ARG A 233 -10.38 0.35 4.83
C ARG A 233 -10.90 -0.27 3.55
N VAL A 234 -10.18 -1.28 3.06
CA VAL A 234 -10.50 -1.98 1.81
C VAL A 234 -11.90 -2.58 1.74
N SER A 235 -12.39 -3.14 2.85
CA SER A 235 -13.72 -3.75 2.89
C SER A 235 -14.84 -2.75 2.61
N HIS A 236 -14.57 -1.46 2.82
CA HIS A 236 -15.57 -0.43 2.56
C HIS A 236 -15.51 0.05 1.11
N PHE A 237 -14.56 -0.46 0.33
CA PHE A 237 -14.43 -0.05 -1.07
C PHE A 237 -14.64 -1.16 -2.09
N LEU A 238 -15.19 -2.29 -1.65
CA LEU A 238 -15.43 -3.43 -2.54
C LEU A 238 -16.33 -3.12 -3.74
N PRO A 239 -17.45 -2.38 -3.53
CA PRO A 239 -18.34 -2.05 -4.65
C PRO A 239 -17.62 -1.24 -5.71
N TRP A 240 -16.73 -0.35 -5.26
CA TRP A 240 -15.94 0.53 -6.12
C TRP A 240 -14.88 -0.26 -6.89
N ILE A 241 -14.21 -1.18 -6.20
CA ILE A 241 -13.19 -2.02 -6.80
C ILE A 241 -13.81 -2.85 -7.92
N ARG A 242 -14.91 -3.54 -7.60
CA ARG A 242 -15.62 -4.37 -8.58
C ARG A 242 -16.06 -3.60 -9.82
N SER A 243 -16.74 -2.47 -9.61
CA SER A 243 -17.25 -1.65 -10.71
C SER A 243 -16.18 -1.12 -11.66
N HIS A 244 -14.97 -0.90 -11.16
CA HIS A 244 -13.88 -0.37 -11.98
C HIS A 244 -12.91 -1.44 -12.50
N THR A 245 -13.18 -2.70 -12.21
CA THR A 245 -12.31 -3.80 -12.66
C THR A 245 -12.97 -4.73 -13.67
N LYS A 246 -14.20 -4.43 -14.07
CA LYS A 246 -14.92 -5.28 -15.01
C LYS A 246 -14.54 -5.04 -16.48
N GLU A 247 -14.99 -3.92 -17.04
CA GLU A 247 -14.68 -3.59 -18.44
C GLU A 247 -14.98 -2.13 -18.76
S SO4 B . -14.69 9.87 4.48
O1 SO4 B . -15.64 8.99 5.19
O2 SO4 B . -14.92 11.28 4.88
O3 SO4 B . -13.31 9.49 4.85
O4 SO4 B . -14.89 9.75 3.02
S SO4 C . 4.61 9.25 0.33
O1 SO4 C . 4.53 8.07 1.21
O2 SO4 C . 5.18 8.86 -0.97
O3 SO4 C . 3.25 9.78 0.14
O4 SO4 C . 5.47 10.27 0.94
N3 SK1 D . 1.76 9.22 3.71
N5 SK1 D . 2.97 7.17 10.66
C18 SK1 D . 2.63 6.51 9.54
N4 SK1 D . 2.27 5.22 9.73
C14 SK1 D . 2.61 7.05 8.24
C13 SK1 D . 3.16 8.30 7.94
C12 SK1 D . 3.26 8.69 6.59
C17 SK1 D . 2.73 7.91 5.54
C16 SK1 D . 2.08 6.72 5.88
C15 SK1 D . 2.04 6.29 7.20
C11 SK1 D . 2.82 8.32 4.09
C10 SK1 D . 1.95 10.58 3.74
O5 SK1 D . 2.99 11.15 4.02
C8 SK1 D . 0.71 11.37 3.42
N2 SK1 D . 0.61 12.62 4.11
C7 SK1 D . 0.50 12.57 5.48
O4 SK1 D . 0.43 11.52 6.08
C5 SK1 D . 0.48 13.90 6.22
C6 SK1 D . -0.94 14.37 6.59
O3 SK1 D . -1.76 14.14 5.47
N1 SK1 D . 1.16 13.84 7.47
S1 SK1 D . 2.79 13.81 7.71
O1 SK1 D . 2.91 13.85 9.17
O2 SK1 D . 3.29 14.97 7.02
C1 SK1 D . 3.44 12.34 6.88
C4 SK1 D . 4.93 12.46 7.10
C19 SK1 D . 5.55 11.78 8.15
C20 SK1 D . 6.88 12.11 8.46
C21 SK1 D . 7.56 13.08 7.73
C2 SK1 D . 6.96 13.70 6.62
C3 SK1 D . 5.66 13.30 6.25
C22 SK1 D . 0.62 11.66 1.92
#